data_6C93
#
_entry.id   6C93
#
_cell.length_a   109.435
_cell.length_b   109.435
_cell.length_c   126.443
_cell.angle_alpha   90.00
_cell.angle_beta   90.00
_cell.angle_gamma   120.00
#
_symmetry.space_group_name_H-M   'P 32 2 1'
#
loop_
_entity.id
_entity.type
_entity.pdbx_description
1 polymer 'Cytochrome P450 4B1'
2 non-polymer 'PROTOPORPHYRIN IX CONTAINING FE'
3 non-polymer N-OCTANE
4 water water
#
_entity_poly.entity_id   1
_entity_poly.type   'polypeptide(L)'
_entity_poly.pdbx_seq_one_letter_code
;MAGFLKLLRLLLRRQRLARAMDSFPGPPTHWLFGHALEIQKTGSLDKVVTWTQQFPYAHPLWVGQFIGFLNIYEPDYAKA
VYSRGDPKAPDVYDFFLQWIGKGLLVLDGPKWFQHRKLLTPGFHYDVLKPYVAIFADSTRIMLEKWEKKACEGKSFDIFS
DVGHMALDTLMKCTFGKGDSGLNHRDSSYYVAVSELTLLMQQRIDSFQYHNDFIYWLTPHGRRFLRACRAAHDHTDRVIR
QRKAALQDEKEREKIQNRRHLDFLDILLDVRGESGVQLSDTDLRAEVDTFMFAGHDTTTSGISWFLYCMALYPEHQQRCR
EEVREILGDQDSFQWEDLAKMTYLTMCMKECFRLYPPVPQVYRQLSKPVSFVDGRSLPAGSLISLHIYALHRNSDVWPDP
EVFDPLRFSPENSSGRHPYAFIPFSAGPRNCIGQQFAMNEMKVVTALCLLRFEFSVDPLRLPIKLPQLVLRSKNGIHLYL
KPLGPKAEKSTHHHHHH
;
_entity_poly.pdbx_strand_id   A
#
# COMPACT_ATOMS: atom_id res chain seq x y z
N PHE A 4 11.64 0.54 37.03
CA PHE A 4 10.67 1.37 37.74
C PHE A 4 10.40 2.69 37.02
N LEU A 5 11.45 3.50 36.85
CA LEU A 5 11.32 4.78 36.17
C LEU A 5 10.46 4.66 34.92
N LYS A 6 10.73 3.63 34.11
CA LYS A 6 10.06 3.49 32.83
C LYS A 6 8.61 3.06 33.03
N LEU A 7 8.34 2.17 34.00
CA LEU A 7 6.98 1.66 34.22
C LEU A 7 6.03 2.74 34.67
N LEU A 8 6.51 3.69 35.48
CA LEU A 8 5.63 4.77 35.90
C LEU A 8 5.19 5.60 34.70
N ARG A 9 6.14 5.96 33.82
CA ARG A 9 5.80 6.74 32.64
C ARG A 9 4.79 5.98 31.77
N LEU A 10 4.95 4.66 31.69
CA LEU A 10 4.06 3.84 30.87
C LEU A 10 2.62 3.93 31.36
N LEU A 11 2.42 3.93 32.67
CA LEU A 11 1.06 4.02 33.20
C LEU A 11 0.49 5.41 33.06
N LEU A 12 1.35 6.43 33.13
CA LEU A 12 0.87 7.80 32.99
C LEU A 12 0.38 8.07 31.59
N ARG A 13 1.08 7.56 30.57
CA ARG A 13 0.58 7.65 29.21
C ARG A 13 -0.70 6.87 29.06
N ARG A 14 -0.76 5.68 29.65
CA ARG A 14 -1.98 4.87 29.58
C ARG A 14 -3.18 5.68 30.02
N GLN A 15 -3.06 6.36 31.17
CA GLN A 15 -4.17 7.16 31.69
C GLN A 15 -4.39 8.38 30.82
N ARG A 16 -3.32 8.98 30.31
CA ARG A 16 -3.46 10.15 29.46
C ARG A 16 -4.24 9.81 28.19
N LEU A 17 -3.84 8.75 27.48
CA LEU A 17 -4.50 8.38 26.23
C LEU A 17 -5.95 8.02 26.46
N ALA A 18 -6.24 7.35 27.58
CA ALA A 18 -7.61 6.96 27.88
C ALA A 18 -8.50 8.18 28.13
N ARG A 19 -8.03 9.12 28.97
CA ARG A 19 -8.85 10.28 29.30
C ARG A 19 -9.22 11.07 28.06
N ALA A 20 -8.31 11.17 27.10
CA ALA A 20 -8.61 11.96 25.91
C ALA A 20 -9.77 11.39 25.12
N MET A 21 -9.99 10.08 25.19
CA MET A 21 -11.00 9.44 24.37
C MET A 21 -12.31 9.21 25.11
N ASP A 22 -12.45 9.76 26.32
CA ASP A 22 -13.65 9.51 27.13
C ASP A 22 -14.91 10.04 26.47
N SER A 23 -14.80 11.09 25.65
CA SER A 23 -15.93 11.58 24.87
C SER A 23 -16.30 10.65 23.73
N PHE A 24 -15.54 9.57 23.55
CA PHE A 24 -15.77 8.63 22.45
C PHE A 24 -16.08 7.26 23.05
N PRO A 25 -17.34 6.91 23.17
CA PRO A 25 -17.69 5.53 23.50
C PRO A 25 -17.16 4.54 22.47
N GLY A 26 -16.95 3.30 22.93
CA GLY A 26 -16.47 2.24 22.08
C GLY A 26 -16.78 0.85 22.59
N PRO A 27 -16.34 -0.18 21.86
CA PRO A 27 -16.64 -1.55 22.23
C PRO A 27 -15.97 -1.93 23.54
N PRO A 28 -16.45 -3.01 24.16
CA PRO A 28 -15.84 -3.46 25.41
C PRO A 28 -14.40 -3.94 25.23
N THR A 29 -13.61 -3.81 26.30
CA THR A 29 -12.19 -4.15 26.28
C THR A 29 -11.92 -5.28 27.26
N HIS A 30 -11.24 -6.31 26.79
CA HIS A 30 -10.67 -7.31 27.67
C HIS A 30 -9.68 -6.66 28.63
N TRP A 31 -9.58 -7.22 29.84
CA TRP A 31 -8.80 -6.57 30.88
C TRP A 31 -7.30 -6.56 30.53
N LEU A 32 -6.86 -7.47 29.67
CA LEU A 32 -5.44 -7.60 29.33
C LEU A 32 -5.13 -7.23 27.89
N PHE A 33 -5.90 -7.75 26.96
CA PHE A 33 -5.68 -7.58 25.54
C PHE A 33 -6.38 -6.36 24.96
N GLY A 34 -7.16 -5.64 25.75
CA GLY A 34 -7.91 -4.55 25.17
C GLY A 34 -8.79 -5.11 24.06
N HIS A 35 -8.58 -4.65 22.83
CA HIS A 35 -9.36 -5.14 21.70
C HIS A 35 -8.61 -6.15 20.85
N ALA A 36 -7.41 -6.54 21.27
CA ALA A 36 -6.55 -7.37 20.42
C ALA A 36 -7.23 -8.66 20.02
N LEU A 37 -8.02 -9.24 20.92
CA LEU A 37 -8.55 -10.56 20.65
C LEU A 37 -9.56 -10.53 19.53
N GLU A 38 -10.32 -9.43 19.40
CA GLU A 38 -11.26 -9.30 18.29
C GLU A 38 -10.51 -9.05 16.99
N ILE A 39 -9.45 -8.22 17.09
CA ILE A 39 -8.64 -7.78 15.96
C ILE A 39 -7.86 -8.95 15.37
N GLN A 40 -7.38 -9.85 16.22
CA GLN A 40 -6.61 -10.99 15.72
C GLN A 40 -7.47 -12.07 15.07
N LYS A 41 -8.81 -11.97 15.10
CA LYS A 41 -9.65 -12.96 14.45
C LYS A 41 -9.73 -12.71 12.94
N THR A 42 -9.98 -13.79 12.20
CA THR A 42 -10.25 -13.67 10.77
C THR A 42 -11.59 -12.95 10.56
N GLY A 43 -11.55 -11.89 9.76
CA GLY A 43 -12.70 -11.06 9.52
C GLY A 43 -12.80 -9.79 10.34
N SER A 44 -11.78 -9.46 11.14
CA SER A 44 -11.91 -8.31 12.04
C SER A 44 -12.05 -6.96 11.30
N LEU A 45 -11.68 -6.87 10.02
CA LEU A 45 -11.99 -5.67 9.24
C LEU A 45 -13.50 -5.43 9.19
N ASP A 46 -14.28 -6.51 9.04
CA ASP A 46 -15.73 -6.41 8.99
C ASP A 46 -16.33 -6.21 10.38
N LYS A 47 -15.68 -6.71 11.42
CA LYS A 47 -16.10 -6.40 12.78
C LYS A 47 -15.89 -4.93 13.12
N VAL A 48 -14.84 -4.31 12.61
CA VAL A 48 -14.66 -2.87 12.79
C VAL A 48 -15.74 -2.12 12.02
N VAL A 49 -16.12 -2.62 10.83
CA VAL A 49 -17.18 -1.95 10.10
C VAL A 49 -18.46 -1.96 10.93
N THR A 50 -18.72 -3.06 11.65
CA THR A 50 -19.91 -3.08 12.50
C THR A 50 -19.75 -2.13 13.68
N TRP A 51 -18.57 -2.09 14.32
CA TRP A 51 -18.35 -1.06 15.33
C TRP A 51 -18.58 0.33 14.77
N THR A 52 -18.27 0.54 13.49
CA THR A 52 -18.39 1.85 12.87
C THR A 52 -19.84 2.29 12.82
N GLN A 53 -20.75 1.34 12.64
CA GLN A 53 -22.16 1.65 12.64
C GLN A 53 -22.70 1.87 14.05
N GLN A 54 -22.10 1.22 15.03
CA GLN A 54 -22.53 1.45 16.40
C GLN A 54 -21.97 2.75 16.98
N PHE A 55 -20.82 3.22 16.51
CA PHE A 55 -20.18 4.42 17.07
C PHE A 55 -19.87 5.42 15.95
N PRO A 56 -20.62 6.49 15.81
CA PRO A 56 -20.39 7.38 14.68
C PRO A 56 -19.03 8.04 14.76
N TYR A 57 -18.44 8.29 13.59
CA TYR A 57 -17.22 9.09 13.47
C TYR A 57 -15.99 8.35 13.93
N ALA A 58 -15.95 8.00 15.20
CA ALA A 58 -14.76 7.40 15.75
C ALA A 58 -15.10 6.64 17.03
N HIS A 59 -14.15 5.80 17.41
CA HIS A 59 -14.27 4.99 18.62
C HIS A 59 -12.87 4.59 19.07
N PRO A 60 -12.63 4.49 20.37
CA PRO A 60 -11.30 4.10 20.84
C PRO A 60 -10.95 2.68 20.43
N LEU A 61 -9.66 2.35 20.55
CA LEU A 61 -9.17 1.06 20.08
C LEU A 61 -7.86 0.77 20.80
N TRP A 62 -7.81 -0.33 21.55
CA TRP A 62 -6.69 -0.68 22.42
C TRP A 62 -6.08 -2.00 21.95
N VAL A 63 -4.75 -2.12 22.02
CA VAL A 63 -4.11 -3.38 21.66
C VAL A 63 -3.76 -4.19 22.91
N GLY A 64 -3.42 -3.55 24.00
CA GLY A 64 -3.13 -4.37 25.15
C GLY A 64 -3.19 -3.60 26.45
N GLN A 65 -4.15 -2.70 26.56
CA GLN A 65 -4.34 -1.91 27.76
C GLN A 65 -3.26 -0.86 27.99
N PHE A 66 -2.21 -0.80 27.19
CA PHE A 66 -1.25 0.29 27.30
C PHE A 66 -1.28 1.29 26.15
N ILE A 67 -1.56 0.86 24.92
CA ILE A 67 -1.59 1.74 23.75
C ILE A 67 -3.04 1.90 23.31
N GLY A 68 -3.48 3.15 23.17
CA GLY A 68 -4.85 3.43 22.77
C GLY A 68 -4.96 4.39 21.62
N PHE A 69 -5.48 3.90 20.48
CA PHE A 69 -5.73 4.72 19.30
C PHE A 69 -7.19 5.16 19.26
N LEU A 70 -7.44 6.29 18.63
CA LEU A 70 -8.79 6.66 18.21
C LEU A 70 -8.98 6.22 16.76
N ASN A 71 -9.80 5.19 16.55
CA ASN A 71 -10.11 4.72 15.21
C ASN A 71 -11.10 5.68 14.58
N ILE A 72 -10.72 6.32 13.47
CA ILE A 72 -11.55 7.33 12.80
C ILE A 72 -11.94 6.80 11.44
N TYR A 73 -13.18 7.11 11.01
CA TYR A 73 -13.68 6.49 9.79
C TYR A 73 -14.79 7.32 9.16
N GLU A 74 -14.69 8.63 9.29
CA GLU A 74 -15.66 9.51 8.68
C GLU A 74 -14.90 10.65 8.00
N PRO A 75 -15.38 11.13 6.84
CA PRO A 75 -14.56 12.08 6.04
C PRO A 75 -14.10 13.33 6.76
N ASP A 76 -14.99 14.02 7.51
CA ASP A 76 -14.56 15.21 8.25
C ASP A 76 -13.47 14.87 9.26
N TYR A 77 -13.59 13.72 9.92
CA TYR A 77 -12.60 13.32 10.91
C TYR A 77 -11.28 13.00 10.22
N ALA A 78 -11.36 12.27 9.10
CA ALA A 78 -10.16 12.02 8.33
C ALA A 78 -9.50 13.32 7.88
N LYS A 79 -10.29 14.24 7.30
CA LYS A 79 -9.78 15.53 6.85
C LYS A 79 -9.14 16.33 7.97
N ALA A 80 -9.69 16.22 9.19
CA ALA A 80 -9.20 17.06 10.28
C ALA A 80 -7.77 16.72 10.63
N VAL A 81 -7.37 15.46 10.46
CA VAL A 81 -6.07 14.95 10.89
C VAL A 81 -5.15 14.82 9.68
N TYR A 82 -5.59 14.06 8.67
CA TYR A 82 -4.73 13.69 7.56
C TYR A 82 -4.55 14.83 6.57
N SER A 83 -5.05 16.02 6.88
CA SER A 83 -4.63 17.20 6.15
C SER A 83 -3.48 17.95 6.82
N ARG A 84 -3.10 17.59 8.06
CA ARG A 84 -2.22 18.42 8.88
C ARG A 84 -0.78 17.91 8.97
N GLY A 85 -0.42 16.86 8.26
CA GLY A 85 0.98 16.48 8.39
C GLY A 85 1.56 16.26 9.79
N ASP A 86 0.73 15.95 10.80
CA ASP A 86 1.25 15.36 12.05
C ASP A 86 2.13 14.14 11.77
N PRO A 87 3.09 13.84 12.65
CA PRO A 87 3.99 12.70 12.41
C PRO A 87 3.28 11.34 12.45
N LYS A 88 3.93 10.35 11.83
CA LYS A 88 3.41 8.99 11.92
C LYS A 88 3.48 8.51 13.36
N ALA A 89 2.60 7.58 13.71
CA ALA A 89 2.53 7.05 15.06
C ALA A 89 3.75 6.19 15.35
N PRO A 90 4.68 6.63 16.23
CA PRO A 90 5.91 5.84 16.44
C PRO A 90 5.67 4.48 17.02
N ASP A 91 4.58 4.30 17.76
CA ASP A 91 4.26 3.00 18.30
C ASP A 91 4.05 1.95 17.22
N VAL A 92 3.68 2.38 16.01
CA VAL A 92 3.49 1.48 14.86
C VAL A 92 4.65 1.54 13.89
N TYR A 93 5.06 2.76 13.51
CA TYR A 93 6.01 2.86 12.42
C TYR A 93 7.44 2.57 12.86
N ASP A 94 7.72 2.57 14.16
CA ASP A 94 9.04 2.19 14.65
C ASP A 94 9.35 0.72 14.38
N PHE A 95 8.34 -0.11 14.14
CA PHE A 95 8.60 -1.50 13.78
C PHE A 95 9.24 -1.60 12.41
N PHE A 96 9.05 -0.58 11.58
CA PHE A 96 9.67 -0.54 10.27
C PHE A 96 11.19 -0.41 10.34
N LEU A 97 11.76 0.03 11.47
CA LEU A 97 13.10 0.61 11.42
C LEU A 97 14.17 -0.42 11.03
N GLN A 98 14.07 -1.64 11.56
CA GLN A 98 15.06 -2.64 11.18
C GLN A 98 14.86 -3.12 9.75
N TRP A 99 13.79 -2.71 9.07
CA TRP A 99 13.48 -3.20 7.74
C TRP A 99 13.66 -2.10 6.71
N ILE A 100 12.80 -1.07 6.69
CA ILE A 100 12.96 0.03 5.73
C ILE A 100 13.61 1.26 6.35
N GLY A 101 13.78 1.29 7.67
CA GLY A 101 14.51 2.40 8.26
C GLY A 101 13.77 3.72 8.17
N LYS A 102 14.53 4.80 8.36
CA LYS A 102 13.94 6.13 8.36
C LYS A 102 13.95 6.69 6.94
N GLY A 103 13.22 6.00 6.07
CA GLY A 103 12.95 6.47 4.73
C GLY A 103 11.73 7.37 4.72
N LEU A 104 11.25 7.67 3.51
CA LEU A 104 10.21 8.68 3.34
C LEU A 104 8.91 8.32 4.05
N LEU A 105 8.63 7.04 4.18
CA LEU A 105 7.37 6.61 4.78
C LEU A 105 7.39 6.77 6.30
N VAL A 106 8.57 6.76 6.90
CA VAL A 106 8.77 6.81 8.35
C VAL A 106 9.24 8.18 8.79
N LEU A 107 9.91 8.91 7.90
CA LEU A 107 10.43 10.22 8.27
C LEU A 107 9.29 11.13 8.68
N ASP A 108 9.63 12.18 9.43
CA ASP A 108 8.68 13.23 9.81
C ASP A 108 9.41 14.56 9.68
N GLY A 109 8.68 15.64 9.88
CA GLY A 109 9.30 16.94 10.04
C GLY A 109 10.06 17.37 8.81
N PRO A 110 10.96 18.35 8.97
CA PRO A 110 11.59 18.95 7.79
C PRO A 110 12.52 18.03 7.04
N LYS A 111 13.05 16.97 7.66
CA LYS A 111 13.84 16.02 6.89
C LYS A 111 12.96 15.26 5.91
N TRP A 112 11.73 14.96 6.32
CA TRP A 112 10.78 14.34 5.43
C TRP A 112 10.51 15.22 4.22
N PHE A 113 10.34 16.53 4.45
CA PHE A 113 10.05 17.46 3.36
C PHE A 113 11.22 17.62 2.41
N GLN A 114 12.45 17.59 2.94
CA GLN A 114 13.62 17.61 2.09
C GLN A 114 13.58 16.44 1.12
N HIS A 115 13.53 15.20 1.67
CA HIS A 115 13.44 13.97 0.86
C HIS A 115 12.22 13.97 -0.06
N ARG A 116 11.08 14.45 0.45
CA ARG A 116 9.87 14.54 -0.36
C ARG A 116 10.06 15.49 -1.53
N LYS A 117 10.68 16.65 -1.25
CA LYS A 117 11.09 17.57 -2.32
C LYS A 117 12.09 16.90 -3.26
N LEU A 118 13.02 16.14 -2.69
CA LEU A 118 14.02 15.46 -3.49
C LEU A 118 13.40 14.42 -4.42
N LEU A 119 12.51 13.56 -3.90
CA LEU A 119 12.07 12.39 -4.66
C LEU A 119 10.86 12.65 -5.54
N THR A 120 10.12 13.72 -5.31
CA THR A 120 8.91 13.94 -6.08
C THR A 120 9.15 14.07 -7.57
N PRO A 121 10.24 14.68 -8.06
CA PRO A 121 10.51 14.70 -9.50
C PRO A 121 10.64 13.33 -10.13
N GLY A 122 10.96 12.29 -9.36
CA GLY A 122 11.03 10.95 -9.92
C GLY A 122 9.70 10.36 -10.40
N PHE A 123 8.56 11.02 -10.12
CA PHE A 123 7.25 10.50 -10.49
C PHE A 123 6.45 11.52 -11.31
N HIS A 124 7.16 12.44 -11.96
CA HIS A 124 6.54 13.37 -12.89
C HIS A 124 6.17 12.66 -14.17
N TYR A 125 5.05 13.07 -14.78
CA TYR A 125 4.51 12.28 -15.87
C TYR A 125 5.52 12.09 -17.02
N ASP A 126 6.55 12.93 -17.12
CA ASP A 126 7.52 12.75 -18.20
C ASP A 126 8.49 11.62 -17.87
N VAL A 127 8.74 11.38 -16.59
CA VAL A 127 9.53 10.21 -16.17
C VAL A 127 8.73 8.93 -16.39
N LEU A 128 7.42 9.00 -16.20
CA LEU A 128 6.54 7.85 -16.26
C LEU A 128 6.19 7.43 -17.69
N LYS A 129 6.14 8.36 -18.64
CA LYS A 129 5.77 7.95 -20.01
C LYS A 129 6.57 6.75 -20.50
N PRO A 130 7.91 6.75 -20.45
CA PRO A 130 8.67 5.54 -20.85
C PRO A 130 8.32 4.28 -20.08
N TYR A 131 7.82 4.37 -18.85
CA TYR A 131 7.52 3.17 -18.09
C TYR A 131 6.40 2.36 -18.72
N VAL A 132 5.52 2.98 -19.49
CA VAL A 132 4.39 2.26 -20.07
C VAL A 132 4.90 1.08 -20.90
N ALA A 133 5.99 1.26 -21.64
CA ALA A 133 6.50 0.15 -22.46
C ALA A 133 6.99 -0.99 -21.58
N ILE A 134 7.68 -0.65 -20.49
CA ILE A 134 8.16 -1.64 -19.51
C ILE A 134 6.98 -2.37 -18.87
N PHE A 135 5.89 -1.66 -18.55
CA PHE A 135 4.75 -2.35 -17.96
C PHE A 135 4.25 -3.45 -18.87
N ALA A 136 4.16 -3.17 -20.18
CA ALA A 136 3.64 -4.13 -21.12
C ALA A 136 4.59 -5.32 -21.26
N ASP A 137 5.89 -5.06 -21.34
CA ASP A 137 6.84 -6.16 -21.44
C ASP A 137 6.70 -7.11 -20.26
N SER A 138 6.78 -6.59 -19.04
CA SER A 138 6.71 -7.44 -17.86
C SER A 138 5.35 -8.13 -17.75
N THR A 139 4.28 -7.48 -18.20
CA THR A 139 2.98 -8.15 -18.18
C THR A 139 2.95 -9.29 -19.17
N ARG A 140 3.50 -9.09 -20.37
CA ARG A 140 3.53 -10.15 -21.39
C ARG A 140 4.25 -11.40 -20.89
N ILE A 141 5.37 -11.21 -20.19
CA ILE A 141 6.07 -12.35 -19.58
C ILE A 141 5.14 -13.10 -18.63
N MET A 142 4.37 -12.37 -17.83
CA MET A 142 3.47 -13.01 -16.88
C MET A 142 2.31 -13.68 -17.61
N LEU A 143 1.83 -13.08 -18.70
CA LEU A 143 0.67 -13.64 -19.39
C LEU A 143 1.03 -14.89 -20.20
N GLU A 144 2.28 -15.01 -20.64
CA GLU A 144 2.77 -16.25 -21.25
C GLU A 144 2.73 -17.41 -20.24
N LYS A 145 3.25 -17.19 -19.02
CA LYS A 145 3.09 -18.22 -17.99
C LYS A 145 1.61 -18.55 -17.80
N TRP A 146 0.75 -17.55 -17.85
CA TRP A 146 -0.64 -17.78 -17.52
C TRP A 146 -1.39 -18.50 -18.63
N GLU A 147 -0.99 -18.32 -19.89
CA GLU A 147 -1.68 -19.05 -20.94
C GLU A 147 -1.40 -20.55 -20.87
N LYS A 148 -0.25 -20.98 -20.29
CA LYS A 148 0.05 -22.39 -20.12
C LYS A 148 -0.70 -22.99 -18.94
N LYS A 149 -0.64 -22.34 -17.77
CA LYS A 149 -1.48 -22.79 -16.66
C LYS A 149 -2.97 -22.83 -17.04
N ALA A 150 -3.48 -21.79 -17.71
CA ALA A 150 -4.91 -21.76 -18.01
C ALA A 150 -5.36 -23.03 -18.72
N CYS A 151 -4.58 -23.50 -19.74
CA CYS A 151 -4.93 -24.63 -20.57
C CYS A 151 -4.76 -25.96 -19.89
N GLU A 152 -4.44 -25.88 -18.62
CA GLU A 152 -4.31 -27.02 -17.75
C GLU A 152 -5.59 -27.22 -16.93
N GLY A 153 -6.51 -26.25 -16.94
CA GLY A 153 -7.86 -26.44 -16.47
C GLY A 153 -8.12 -26.18 -14.99
N LYS A 154 -7.10 -26.12 -14.16
CA LYS A 154 -7.28 -25.87 -12.73
C LYS A 154 -7.12 -24.39 -12.41
N SER A 155 -7.89 -23.95 -11.41
CA SER A 155 -7.71 -22.63 -10.83
C SER A 155 -6.39 -22.58 -10.06
N PHE A 156 -5.73 -21.42 -10.13
CA PHE A 156 -4.48 -21.16 -9.41
C PHE A 156 -4.45 -19.77 -8.77
N ASP A 157 -3.65 -19.63 -7.71
CA ASP A 157 -3.41 -18.34 -7.05
C ASP A 157 -2.60 -17.43 -7.96
N ILE A 158 -3.14 -16.26 -8.26
CA ILE A 158 -2.45 -15.28 -9.12
C ILE A 158 -1.55 -14.32 -8.35
N PHE A 159 -1.73 -14.20 -7.03
CA PHE A 159 -1.04 -13.21 -6.23
C PHE A 159 0.49 -13.25 -6.43
N SER A 160 1.10 -14.41 -6.24
CA SER A 160 2.55 -14.45 -6.32
C SER A 160 3.04 -14.09 -7.72
N ASP A 161 2.36 -14.55 -8.77
CA ASP A 161 2.80 -14.20 -10.13
C ASP A 161 2.69 -12.71 -10.37
N VAL A 162 1.67 -12.07 -9.81
CA VAL A 162 1.51 -10.63 -9.97
C VAL A 162 2.64 -9.91 -9.22
N GLY A 163 3.00 -10.44 -8.05
CA GLY A 163 4.08 -9.85 -7.29
C GLY A 163 5.41 -9.92 -7.99
N HIS A 164 5.77 -11.09 -8.52
CA HIS A 164 7.04 -11.16 -9.24
C HIS A 164 7.04 -10.18 -10.40
N MET A 165 5.91 -10.08 -11.10
CA MET A 165 5.79 -9.15 -12.21
C MET A 165 5.92 -7.71 -11.74
N ALA A 166 5.20 -7.34 -10.67
CA ALA A 166 5.28 -5.99 -10.10
C ALA A 166 6.70 -5.67 -9.64
N LEU A 167 7.37 -6.60 -8.96
CA LEU A 167 8.73 -6.35 -8.51
C LEU A 167 9.64 -6.10 -9.69
N ASP A 168 9.53 -6.95 -10.73
CA ASP A 168 10.43 -6.81 -11.86
C ASP A 168 10.18 -5.48 -12.57
N THR A 169 8.91 -5.12 -12.75
CA THR A 169 8.62 -3.88 -13.45
C THR A 169 9.02 -2.67 -12.60
N LEU A 170 8.93 -2.77 -11.26
CA LEU A 170 9.39 -1.69 -10.39
C LEU A 170 10.90 -1.45 -10.53
N MET A 171 11.68 -2.53 -10.61
CA MET A 171 13.14 -2.42 -10.66
C MET A 171 13.63 -1.96 -12.04
N LYS A 172 12.96 -2.41 -13.10
CA LYS A 172 13.33 -1.96 -14.44
C LYS A 172 13.00 -0.49 -14.64
N CYS A 173 11.97 0.02 -13.96
CA CYS A 173 11.51 1.39 -14.13
C CYS A 173 12.28 2.37 -13.27
N THR A 174 12.36 2.08 -11.99
CA THR A 174 12.81 3.08 -11.04
C THR A 174 14.14 2.74 -10.40
N PHE A 175 14.74 1.58 -10.74
CA PHE A 175 16.03 1.21 -10.17
C PHE A 175 17.05 0.83 -11.23
N GLY A 176 16.85 1.20 -12.48
CA GLY A 176 17.91 0.99 -13.44
C GLY A 176 18.19 -0.44 -13.83
N LYS A 177 17.40 -1.41 -13.35
CA LYS A 177 17.62 -2.79 -13.76
C LYS A 177 17.65 -2.88 -15.29
N GLY A 178 18.49 -3.76 -15.79
CA GLY A 178 18.63 -3.91 -17.21
C GLY A 178 17.59 -4.86 -17.76
N ASP A 179 17.79 -5.20 -19.04
CA ASP A 179 16.86 -6.06 -19.75
C ASP A 179 16.86 -7.50 -19.24
N SER A 180 17.76 -7.84 -18.32
CA SER A 180 17.96 -9.25 -17.94
C SER A 180 16.67 -9.85 -17.38
N GLY A 181 15.98 -9.14 -16.50
CA GLY A 181 14.76 -9.65 -15.89
C GLY A 181 15.01 -10.33 -14.55
N LEU A 182 14.00 -11.09 -14.12
CA LEU A 182 14.04 -11.72 -12.81
C LEU A 182 15.08 -12.82 -12.74
N ASN A 183 15.65 -12.96 -11.55
CA ASN A 183 16.62 -14.00 -11.24
C ASN A 183 16.30 -14.60 -9.88
N HIS A 184 16.85 -15.78 -9.65
CA HIS A 184 16.49 -16.50 -8.43
C HIS A 184 16.59 -15.57 -7.24
N ARG A 185 17.58 -14.70 -7.21
CA ARG A 185 17.76 -13.83 -6.07
C ARG A 185 16.58 -12.88 -5.89
N ASP A 186 15.97 -12.43 -7.00
CA ASP A 186 14.82 -11.55 -6.89
C ASP A 186 13.68 -12.26 -6.16
N SER A 187 13.49 -13.58 -6.41
CA SER A 187 12.46 -14.30 -5.66
C SER A 187 12.81 -14.43 -4.19
N SER A 188 14.08 -14.45 -3.84
CA SER A 188 14.41 -14.52 -2.42
C SER A 188 13.96 -13.25 -1.72
N TYR A 189 14.11 -12.11 -2.39
CA TYR A 189 13.64 -10.85 -1.83
C TYR A 189 12.13 -10.89 -1.68
N TYR A 190 11.42 -11.28 -2.75
CA TYR A 190 9.97 -11.34 -2.69
C TYR A 190 9.52 -12.15 -1.47
N VAL A 191 10.14 -13.31 -1.22
CA VAL A 191 9.67 -14.17 -0.12
C VAL A 191 9.93 -13.52 1.23
N ALA A 192 11.02 -12.77 1.35
CA ALA A 192 11.34 -12.09 2.61
C ALA A 192 10.32 -11.01 2.93
N VAL A 193 9.81 -10.29 1.91
CA VAL A 193 8.79 -9.26 2.17
C VAL A 193 7.54 -9.88 2.76
N SER A 194 7.11 -11.02 2.20
CA SER A 194 6.03 -11.80 2.80
C SER A 194 6.27 -11.98 4.29
N GLU A 195 7.49 -12.36 4.68
CA GLU A 195 7.76 -12.61 6.10
C GLU A 195 7.77 -11.33 6.87
N LEU A 196 8.35 -10.28 6.31
CA LEU A 196 8.43 -9.01 7.01
C LEU A 196 7.04 -8.41 7.27
N THR A 197 6.15 -8.46 6.27
CA THR A 197 4.83 -7.86 6.42
C THR A 197 3.93 -8.74 7.25
N LEU A 198 4.10 -10.04 7.15
CA LEU A 198 3.41 -10.94 8.05
C LEU A 198 3.79 -10.62 9.50
N LEU A 199 5.09 -10.65 9.80
CA LEU A 199 5.52 -10.56 11.19
C LEU A 199 5.25 -9.20 11.76
N MET A 200 5.43 -8.14 10.95
CA MET A 200 5.24 -6.79 11.47
C MET A 200 3.77 -6.51 11.71
N GLN A 201 2.90 -6.98 10.82
CA GLN A 201 1.47 -6.87 11.06
C GLN A 201 1.08 -7.60 12.36
N GLN A 202 1.70 -8.75 12.65
CA GLN A 202 1.38 -9.43 13.90
C GLN A 202 1.97 -8.72 15.10
N ARG A 203 3.11 -8.09 14.93
CA ARG A 203 3.63 -7.31 16.05
C ARG A 203 2.68 -6.16 16.38
N ILE A 204 2.12 -5.52 15.35
CA ILE A 204 1.19 -4.40 15.56
C ILE A 204 0.02 -4.82 16.44
N ASP A 205 -0.54 -6.00 16.19
CA ASP A 205 -1.67 -6.50 16.93
C ASP A 205 -1.32 -7.28 18.20
N SER A 206 -0.03 -7.47 18.51
CA SER A 206 0.41 -8.29 19.64
C SER A 206 1.22 -7.47 20.65
N PHE A 207 0.58 -7.04 21.72
CA PHE A 207 1.22 -6.08 22.61
C PHE A 207 2.42 -6.67 23.33
N GLN A 208 2.43 -7.99 23.60
CA GLN A 208 3.60 -8.60 24.21
C GLN A 208 4.86 -8.37 23.38
N TYR A 209 4.71 -8.24 22.06
CA TYR A 209 5.83 -8.00 21.17
C TYR A 209 6.14 -6.53 20.99
N HIS A 210 5.48 -5.61 21.73
CA HIS A 210 5.71 -4.20 21.47
C HIS A 210 7.10 -3.76 21.93
N ASN A 211 7.50 -4.16 23.14
CA ASN A 211 8.79 -3.73 23.67
C ASN A 211 9.96 -4.23 22.80
N ASP A 212 10.83 -3.29 22.41
CA ASP A 212 11.94 -3.63 21.53
C ASP A 212 12.85 -4.67 22.18
N PHE A 213 13.30 -4.39 23.40
CA PHE A 213 14.25 -5.27 24.07
C PHE A 213 13.73 -6.69 24.10
N ILE A 214 12.45 -6.85 24.44
CA ILE A 214 11.89 -8.19 24.55
C ILE A 214 11.70 -8.82 23.17
N TYR A 215 11.23 -8.02 22.21
CA TYR A 215 10.83 -8.59 20.94
C TYR A 215 12.00 -9.30 20.27
N TRP A 216 13.20 -8.71 20.32
CA TRP A 216 14.35 -9.30 19.63
C TRP A 216 14.82 -10.60 20.24
N LEU A 217 14.36 -10.94 21.44
CA LEU A 217 14.70 -12.21 22.04
C LEU A 217 13.72 -13.33 21.68
N THR A 218 12.56 -13.01 21.09
CA THR A 218 11.56 -14.03 20.77
C THR A 218 11.86 -14.68 19.43
N PRO A 219 11.37 -15.89 19.20
CA PRO A 219 11.48 -16.46 17.85
C PRO A 219 10.90 -15.55 16.79
N HIS A 220 9.82 -14.85 17.15
CA HIS A 220 9.19 -13.91 16.23
C HIS A 220 10.17 -12.84 15.78
N GLY A 221 10.81 -12.18 16.74
CA GLY A 221 11.73 -11.10 16.42
C GLY A 221 12.97 -11.60 15.69
N ARG A 222 13.46 -12.79 16.04
CA ARG A 222 14.62 -13.33 15.35
C ARG A 222 14.27 -13.69 13.91
N ARG A 223 13.08 -14.22 13.73
CA ARG A 223 12.58 -14.45 12.38
C ARG A 223 12.49 -13.13 11.62
N PHE A 224 12.04 -12.07 12.28
CA PHE A 224 11.95 -10.77 11.64
C PHE A 224 13.32 -10.28 11.21
N LEU A 225 14.31 -10.39 12.10
CA LEU A 225 15.64 -9.87 11.77
C LEU A 225 16.33 -10.72 10.70
N ARG A 226 16.00 -11.99 10.61
CA ARG A 226 16.56 -12.75 9.51
C ARG A 226 16.00 -12.23 8.20
N ALA A 227 14.71 -11.88 8.19
CA ALA A 227 14.09 -11.36 6.98
C ALA A 227 14.62 -9.98 6.66
N CYS A 228 14.89 -9.17 7.68
CA CYS A 228 15.44 -7.84 7.47
C CYS A 228 16.75 -7.92 6.69
N ARG A 229 17.65 -8.83 7.11
CA ARG A 229 18.93 -8.99 6.42
C ARG A 229 18.72 -9.43 4.99
N ALA A 230 17.76 -10.33 4.78
CA ALA A 230 17.48 -10.81 3.43
C ALA A 230 17.05 -9.67 2.53
N ALA A 231 16.18 -8.79 3.05
CA ALA A 231 15.76 -7.62 2.28
C ALA A 231 16.95 -6.71 2.03
N HIS A 232 17.79 -6.50 3.05
CA HIS A 232 18.93 -5.60 2.89
C HIS A 232 19.99 -6.14 1.91
N ASP A 233 20.18 -7.47 1.85
CA ASP A 233 21.09 -8.03 0.86
C ASP A 233 20.59 -7.69 -0.55
N HIS A 234 19.28 -7.67 -0.74
CA HIS A 234 18.73 -7.36 -2.05
C HIS A 234 18.97 -5.89 -2.40
N THR A 235 18.64 -5.00 -1.48
CA THR A 235 18.80 -3.60 -1.83
C THR A 235 20.27 -3.21 -1.97
N ASP A 236 21.18 -3.80 -1.16
CA ASP A 236 22.61 -3.58 -1.33
C ASP A 236 23.11 -3.93 -2.74
N ARG A 237 22.70 -5.09 -3.27
CA ARG A 237 23.06 -5.44 -4.65
C ARG A 237 22.51 -4.43 -5.65
N VAL A 238 21.23 -4.06 -5.52
CA VAL A 238 20.62 -3.15 -6.49
C VAL A 238 21.36 -1.82 -6.51
N ILE A 239 21.79 -1.35 -5.34
CA ILE A 239 22.56 -0.12 -5.27
C ILE A 239 23.93 -0.32 -5.91
N ARG A 240 24.69 -1.34 -5.48
CA ARG A 240 26.01 -1.59 -6.08
C ARG A 240 25.91 -1.68 -7.59
N GLN A 241 24.94 -2.44 -8.07
CA GLN A 241 24.81 -2.70 -9.49
C GLN A 241 24.64 -1.39 -10.27
N ARG A 242 23.89 -0.45 -9.72
CA ARG A 242 23.63 0.78 -10.44
C ARG A 242 24.81 1.75 -10.36
N LYS A 243 25.56 1.75 -9.24
CA LYS A 243 26.79 2.53 -9.18
C LYS A 243 27.82 2.01 -10.17
N ALA A 244 27.94 0.69 -10.27
CA ALA A 244 28.89 0.10 -11.22
C ALA A 244 28.44 0.35 -12.66
N ALA A 245 27.13 0.31 -12.93
CA ALA A 245 26.66 0.50 -14.30
C ALA A 245 26.87 1.94 -14.75
N LEU A 246 26.90 2.88 -13.81
CA LEU A 246 27.16 4.27 -14.14
C LEU A 246 28.64 4.55 -14.36
N GLN A 247 29.53 3.60 -14.07
CA GLN A 247 30.92 3.73 -14.45
C GLN A 247 31.13 3.52 -15.97
N ASP A 248 30.15 2.99 -16.68
CA ASP A 248 30.22 2.91 -18.13
C ASP A 248 30.13 4.32 -18.72
N GLU A 249 30.95 4.58 -19.74
CA GLU A 249 30.96 5.90 -20.39
C GLU A 249 29.65 6.11 -21.16
N LYS A 250 29.29 5.15 -22.02
CA LYS A 250 28.03 5.26 -22.76
C LYS A 250 26.86 5.51 -21.81
N GLU A 251 26.77 4.73 -20.73
CA GLU A 251 25.62 4.80 -19.82
C GLU A 251 25.58 6.12 -19.05
N ARG A 252 26.70 6.52 -18.43
CA ARG A 252 26.72 7.75 -17.64
C ARG A 252 26.46 8.98 -18.51
N GLU A 253 27.10 9.05 -19.68
CA GLU A 253 26.80 10.15 -20.60
C GLU A 253 25.31 10.19 -20.90
N LYS A 254 24.70 9.01 -21.17
CA LYS A 254 23.28 8.92 -21.58
C LYS A 254 22.35 9.45 -20.49
N ILE A 255 22.49 8.96 -19.25
CA ILE A 255 21.62 9.43 -18.17
C ILE A 255 21.74 10.94 -18.00
N GLN A 256 22.96 11.47 -18.09
CA GLN A 256 23.18 12.90 -17.92
C GLN A 256 23.06 13.69 -19.25
N ARG A 259 16.20 14.28 -20.14
CA ARG A 259 16.03 15.48 -19.32
C ARG A 259 15.69 15.17 -17.85
N HIS A 260 14.97 14.07 -17.59
CA HIS A 260 14.40 13.76 -16.27
C HIS A 260 15.00 12.45 -15.73
N LEU A 261 15.36 12.42 -14.45
CA LEU A 261 15.98 11.24 -13.85
C LEU A 261 14.99 10.32 -13.13
N ASP A 262 15.23 9.01 -13.24
CA ASP A 262 14.42 8.02 -12.54
C ASP A 262 14.79 7.99 -11.06
N PHE A 263 14.01 7.25 -10.28
CA PHE A 263 14.09 7.34 -8.81
C PHE A 263 15.51 7.11 -8.29
N LEU A 264 16.12 5.97 -8.64
CA LEU A 264 17.39 5.63 -8.00
C LEU A 264 18.50 6.60 -8.41
N ASP A 265 18.47 7.07 -9.66
CA ASP A 265 19.51 8.01 -10.11
C ASP A 265 19.43 9.34 -9.35
N ILE A 266 18.22 9.80 -9.00
CA ILE A 266 18.08 10.98 -8.15
C ILE A 266 18.80 10.77 -6.83
N LEU A 267 18.52 9.65 -6.17
CA LEU A 267 19.15 9.35 -4.89
C LEU A 267 20.67 9.39 -5.02
N LEU A 268 21.22 8.73 -6.05
CA LEU A 268 22.65 8.67 -6.29
C LEU A 268 23.24 10.01 -6.70
N ASP A 269 22.39 11.02 -6.88
CA ASP A 269 22.85 12.39 -7.03
C ASP A 269 23.72 12.52 -8.26
N VAL A 270 23.30 11.85 -9.33
CA VAL A 270 23.93 12.12 -10.63
C VAL A 270 23.74 13.61 -10.93
N ARG A 271 24.72 14.20 -11.60
CA ARG A 271 24.65 15.60 -12.01
C ARG A 271 24.70 16.58 -10.83
N GLY A 272 24.89 16.10 -9.60
CA GLY A 272 25.10 16.96 -8.44
C GLY A 272 23.94 17.86 -8.03
N GLU A 273 22.81 17.83 -8.75
CA GLU A 273 21.72 18.78 -8.60
C GLU A 273 20.83 18.54 -7.37
N SER A 274 21.08 17.48 -6.58
CA SER A 274 20.14 17.12 -5.52
C SER A 274 19.99 18.23 -4.50
N GLY A 275 21.03 19.03 -4.31
CA GLY A 275 21.01 20.03 -3.27
C GLY A 275 20.91 19.49 -1.87
N VAL A 276 20.88 18.17 -1.70
CA VAL A 276 20.89 17.54 -0.37
C VAL A 276 21.84 16.35 -0.41
N GLN A 277 22.57 16.17 0.68
CA GLN A 277 23.52 15.07 0.80
C GLN A 277 22.91 14.01 1.70
N LEU A 278 22.75 12.81 1.15
CA LEU A 278 22.13 11.69 1.85
C LEU A 278 23.23 10.77 2.35
N SER A 279 23.17 10.45 3.64
CA SER A 279 23.99 9.38 4.19
C SER A 279 23.75 8.08 3.43
N ASP A 280 24.68 7.14 3.56
CA ASP A 280 24.42 5.79 3.07
C ASP A 280 23.22 5.17 3.79
N THR A 281 23.10 5.41 5.10
CA THR A 281 21.88 5.03 5.81
C THR A 281 20.66 5.64 5.13
N ASP A 282 20.65 6.97 4.95
CA ASP A 282 19.49 7.62 4.35
C ASP A 282 19.17 7.00 3.00
N LEU A 283 20.20 6.73 2.20
CA LEU A 283 20.02 6.21 0.87
C LEU A 283 19.40 4.80 0.89
N ARG A 284 19.96 3.90 1.70
CA ARG A 284 19.45 2.54 1.73
C ARG A 284 18.04 2.54 2.33
N ALA A 285 17.74 3.43 3.27
CA ALA A 285 16.40 3.48 3.83
C ALA A 285 15.40 3.90 2.76
N GLU A 286 15.78 4.81 1.88
CA GLU A 286 14.83 5.21 0.87
C GLU A 286 14.67 4.11 -0.17
N VAL A 287 15.73 3.36 -0.43
CA VAL A 287 15.63 2.21 -1.34
C VAL A 287 14.81 1.09 -0.71
N ASP A 288 15.12 0.74 0.55
CA ASP A 288 14.30 -0.23 1.26
C ASP A 288 12.83 0.18 1.21
N THR A 289 12.57 1.46 1.49
CA THR A 289 11.20 1.95 1.61
C THR A 289 10.47 1.77 0.29
N PHE A 290 11.05 2.31 -0.78
CA PHE A 290 10.39 2.31 -2.09
C PHE A 290 10.43 0.94 -2.77
N MET A 291 11.46 0.13 -2.53
CA MET A 291 11.43 -1.24 -3.04
C MET A 291 10.22 -2.00 -2.50
N PHE A 292 9.90 -1.82 -1.22
CA PHE A 292 8.71 -2.39 -0.61
C PHE A 292 7.43 -1.73 -1.13
N ALA A 293 7.23 -0.44 -0.83
CA ALA A 293 5.97 0.22 -1.14
C ALA A 293 5.62 0.19 -2.63
N GLY A 294 6.60 0.14 -3.50
CA GLY A 294 6.36 0.17 -4.92
C GLY A 294 5.98 -1.14 -5.58
N HIS A 295 5.92 -2.26 -4.85
CA HIS A 295 5.42 -3.51 -5.46
C HIS A 295 4.43 -4.23 -4.57
N ASP A 296 4.61 -4.20 -3.25
CA ASP A 296 3.66 -4.90 -2.40
C ASP A 296 2.25 -4.35 -2.63
N THR A 297 2.12 -3.04 -2.77
CA THR A 297 0.81 -2.41 -2.82
C THR A 297 0.13 -2.69 -4.16
N THR A 298 0.85 -2.49 -5.26
CA THR A 298 0.25 -2.68 -6.58
C THR A 298 -0.05 -4.15 -6.84
N THR A 299 0.73 -5.06 -6.26
CA THR A 299 0.37 -6.47 -6.31
C THR A 299 -1.03 -6.70 -5.74
N SER A 300 -1.29 -6.13 -4.57
CA SER A 300 -2.60 -6.30 -3.95
C SER A 300 -3.67 -5.70 -4.85
N GLY A 301 -3.41 -4.50 -5.39
CA GLY A 301 -4.44 -3.79 -6.16
C GLY A 301 -4.86 -4.56 -7.39
N ILE A 302 -3.88 -4.94 -8.20
CA ILE A 302 -4.12 -5.75 -9.40
C ILE A 302 -4.89 -7.02 -9.04
N SER A 303 -4.39 -7.76 -8.06
CA SER A 303 -4.92 -9.08 -7.76
C SER A 303 -6.36 -8.99 -7.30
N TRP A 304 -6.64 -8.02 -6.43
CA TRP A 304 -8.01 -7.84 -5.99
C TRP A 304 -8.89 -7.34 -7.12
N PHE A 305 -8.33 -6.50 -8.01
CA PHE A 305 -9.08 -6.02 -9.17
C PHE A 305 -9.51 -7.17 -10.07
N LEU A 306 -8.56 -8.03 -10.46
CA LEU A 306 -8.88 -9.17 -11.28
C LEU A 306 -9.89 -10.09 -10.58
N TYR A 307 -9.89 -10.10 -9.23
CA TYR A 307 -10.92 -10.84 -8.52
C TYR A 307 -12.29 -10.19 -8.74
N CYS A 308 -12.36 -8.85 -8.59
CA CYS A 308 -13.59 -8.09 -8.78
C CYS A 308 -14.12 -8.21 -10.20
N MET A 309 -13.22 -8.17 -11.19
CA MET A 309 -13.61 -8.46 -12.55
C MET A 309 -14.17 -9.88 -12.68
N ALA A 310 -13.62 -10.83 -11.93
CA ALA A 310 -14.14 -12.21 -11.98
C ALA A 310 -15.52 -12.30 -11.35
N LEU A 311 -15.68 -11.79 -10.14
CA LEU A 311 -16.99 -11.70 -9.51
C LEU A 311 -18.04 -11.04 -10.40
N TYR A 312 -17.66 -10.10 -11.26
CA TYR A 312 -18.65 -9.28 -11.97
C TYR A 312 -18.32 -9.22 -13.46
N PRO A 313 -18.63 -10.30 -14.19
CA PRO A 313 -18.32 -10.40 -15.63
C PRO A 313 -18.91 -9.30 -16.50
N GLU A 314 -20.07 -8.76 -16.13
CA GLU A 314 -20.64 -7.68 -16.94
C GLU A 314 -19.72 -6.46 -16.94
N HIS A 315 -19.19 -6.10 -15.77
CA HIS A 315 -18.18 -5.05 -15.67
C HIS A 315 -16.88 -5.50 -16.34
N GLN A 316 -16.50 -6.75 -16.15
CA GLN A 316 -15.28 -7.22 -16.79
C GLN A 316 -15.39 -7.07 -18.30
N GLN A 317 -16.54 -7.43 -18.89
CA GLN A 317 -16.72 -7.35 -20.33
C GLN A 317 -16.74 -5.90 -20.82
N ARG A 318 -17.38 -5.01 -20.06
CA ARG A 318 -17.31 -3.59 -20.39
C ARG A 318 -15.86 -3.12 -20.43
N CYS A 319 -15.09 -3.44 -19.40
CA CYS A 319 -13.70 -3.00 -19.37
C CYS A 319 -12.93 -3.60 -20.53
N ARG A 320 -13.18 -4.88 -20.80
CA ARG A 320 -12.55 -5.55 -21.94
C ARG A 320 -12.84 -4.83 -23.27
N GLU A 321 -14.07 -4.36 -23.45
CA GLU A 321 -14.43 -3.68 -24.69
C GLU A 321 -13.84 -2.27 -24.74
N GLU A 322 -13.87 -1.53 -23.63
CA GLU A 322 -13.23 -0.23 -23.60
C GLU A 322 -11.76 -0.33 -24.05
N VAL A 323 -10.99 -1.20 -23.40
CA VAL A 323 -9.55 -1.22 -23.66
C VAL A 323 -9.28 -1.74 -25.05
N ARG A 324 -10.14 -2.63 -25.57
CA ARG A 324 -9.94 -3.18 -26.90
C ARG A 324 -10.10 -2.10 -27.97
N GLU A 325 -11.10 -1.23 -27.83
CA GLU A 325 -11.22 -0.10 -28.76
C GLU A 325 -10.02 0.83 -28.68
N ILE A 326 -9.57 1.16 -27.46
CA ILE A 326 -8.43 2.05 -27.29
C ILE A 326 -7.18 1.46 -27.94
N LEU A 327 -7.03 0.15 -27.91
CA LEU A 327 -5.77 -0.39 -28.41
C LEU A 327 -5.75 -0.40 -29.92
N GLY A 328 -6.87 -0.79 -30.54
CA GLY A 328 -6.91 -0.99 -31.96
C GLY A 328 -5.85 -1.96 -32.43
N ASP A 329 -5.24 -1.63 -33.58
CA ASP A 329 -4.20 -2.46 -34.16
C ASP A 329 -2.81 -2.09 -33.65
N GLN A 330 -2.73 -1.26 -32.61
CA GLN A 330 -1.47 -0.89 -32.02
C GLN A 330 -0.75 -2.12 -31.48
N ASP A 331 0.58 -2.04 -31.42
CA ASP A 331 1.33 -3.11 -30.80
C ASP A 331 1.19 -3.05 -29.30
N SER A 332 1.03 -1.85 -28.76
CA SER A 332 0.93 -1.69 -27.31
C SER A 332 0.38 -0.30 -27.00
N PHE A 333 -0.21 -0.18 -25.81
CA PHE A 333 -0.79 1.07 -25.35
C PHE A 333 0.29 2.12 -25.21
N GLN A 334 -0.10 3.36 -25.47
CA GLN A 334 0.76 4.51 -25.25
C GLN A 334 0.29 5.24 -23.99
N TRP A 335 1.21 5.97 -23.36
CA TRP A 335 0.84 6.73 -22.16
C TRP A 335 -0.42 7.56 -22.40
N GLU A 336 -0.55 8.16 -23.58
CA GLU A 336 -1.74 8.96 -23.89
C GLU A 336 -3.03 8.14 -23.76
N ASP A 337 -2.96 6.81 -23.97
CA ASP A 337 -4.16 5.99 -23.97
C ASP A 337 -4.75 5.77 -22.58
N LEU A 338 -3.94 5.87 -21.52
CA LEU A 338 -4.45 5.56 -20.18
C LEU A 338 -5.60 6.47 -19.77
N ALA A 339 -5.61 7.72 -20.25
CA ALA A 339 -6.67 8.67 -19.90
C ALA A 339 -8.01 8.28 -20.49
N LYS A 340 -8.01 7.65 -21.66
CA LYS A 340 -9.23 7.15 -22.27
C LYS A 340 -9.87 5.99 -21.53
N MET A 341 -9.15 5.32 -20.64
CA MET A 341 -9.70 4.15 -19.95
C MET A 341 -10.58 4.57 -18.78
N THR A 342 -11.57 5.43 -19.07
CA THR A 342 -12.35 6.04 -18.01
C THR A 342 -13.13 4.99 -17.22
N TYR A 343 -13.71 4.00 -17.92
CA TYR A 343 -14.55 3.01 -17.25
C TYR A 343 -13.75 2.00 -16.47
N LEU A 344 -12.61 1.58 -17.05
CA LEU A 344 -11.65 0.76 -16.30
C LEU A 344 -11.22 1.47 -15.03
N THR A 345 -11.04 2.79 -15.09
CA THR A 345 -10.65 3.53 -13.90
C THR A 345 -11.76 3.56 -12.88
N MET A 346 -13.02 3.62 -13.31
CA MET A 346 -14.10 3.62 -12.35
C MET A 346 -14.15 2.27 -11.63
N CYS A 347 -13.99 1.18 -12.37
CA CYS A 347 -14.01 -0.13 -11.72
C CYS A 347 -12.84 -0.27 -10.79
N MET A 348 -11.68 0.26 -11.21
CA MET A 348 -10.48 0.15 -10.38
C MET A 348 -10.65 0.92 -9.07
N LYS A 349 -11.25 2.11 -9.13
CA LYS A 349 -11.56 2.84 -7.90
C LYS A 349 -12.60 2.10 -7.06
N GLU A 350 -13.60 1.50 -7.69
CA GLU A 350 -14.60 0.81 -6.88
C GLU A 350 -13.99 -0.42 -6.24
N CYS A 351 -13.09 -1.08 -6.96
CA CYS A 351 -12.30 -2.13 -6.35
C CYS A 351 -11.57 -1.63 -5.12
N PHE A 352 -10.81 -0.55 -5.27
CA PHE A 352 -10.05 -0.01 -4.13
C PHE A 352 -10.96 0.48 -3.02
N ARG A 353 -12.22 0.84 -3.33
CA ARG A 353 -13.10 1.21 -2.22
C ARG A 353 -13.35 0.00 -1.33
N LEU A 354 -13.78 -1.12 -1.94
CA LEU A 354 -14.14 -2.32 -1.19
C LEU A 354 -12.93 -3.13 -0.75
N TYR A 355 -11.81 -3.03 -1.49
CA TYR A 355 -10.59 -3.82 -1.25
C TYR A 355 -9.37 -2.89 -1.23
N PRO A 356 -9.34 -1.94 -0.29
CA PRO A 356 -8.24 -0.97 -0.25
C PRO A 356 -6.91 -1.65 -0.04
N PRO A 357 -5.92 -1.45 -0.93
CA PRO A 357 -4.62 -2.11 -0.74
C PRO A 357 -3.94 -1.81 0.58
N VAL A 358 -4.13 -0.61 1.13
CA VAL A 358 -3.66 -0.25 2.46
C VAL A 358 -4.88 0.10 3.29
N PRO A 359 -5.33 -0.82 4.16
CA PRO A 359 -6.58 -0.60 4.91
C PRO A 359 -6.42 0.24 6.16
N GLN A 360 -5.22 0.41 6.72
CA GLN A 360 -5.10 1.20 7.95
C GLN A 360 -3.75 1.92 8.04
N VAL A 361 -3.78 3.15 8.55
CA VAL A 361 -2.57 3.93 8.79
C VAL A 361 -2.73 4.69 10.09
N TYR A 362 -1.62 5.25 10.57
CA TYR A 362 -1.64 5.87 11.88
C TYR A 362 -0.87 7.19 11.89
N ARG A 363 -1.28 8.03 12.86
CA ARG A 363 -0.59 9.26 13.21
C ARG A 363 -0.50 9.41 14.72
N GLN A 364 0.44 10.25 15.17
CA GLN A 364 0.47 10.78 16.53
C GLN A 364 0.38 12.29 16.46
N LEU A 365 -0.70 12.85 16.99
CA LEU A 365 -0.90 14.29 16.89
C LEU A 365 0.23 15.05 17.57
N SER A 366 0.78 16.00 16.85
CA SER A 366 1.72 16.92 17.45
C SER A 366 1.02 18.15 17.99
N LYS A 367 -0.18 18.43 17.51
CA LYS A 367 -1.03 19.53 17.90
C LYS A 367 -2.42 18.98 18.18
N PRO A 368 -3.24 19.70 18.95
CA PRO A 368 -4.63 19.28 19.17
C PRO A 368 -5.45 19.44 17.90
N VAL A 369 -6.62 18.80 17.90
CA VAL A 369 -7.50 18.86 16.75
C VAL A 369 -8.93 18.84 17.26
N SER A 370 -9.79 19.60 16.59
CA SER A 370 -11.21 19.67 16.91
C SER A 370 -11.99 19.19 15.69
N PHE A 371 -12.95 18.33 15.93
CA PHE A 371 -13.72 17.69 14.89
C PHE A 371 -15.05 18.39 14.71
N VAL A 372 -15.72 18.05 13.62
CA VAL A 372 -16.94 18.70 13.18
C VAL A 372 -18.10 18.55 14.17
N ASP A 373 -18.06 17.54 15.05
CA ASP A 373 -19.15 17.30 15.98
C ASP A 373 -18.89 17.91 17.35
N GLY A 374 -17.83 18.71 17.50
CA GLY A 374 -17.52 19.35 18.75
C GLY A 374 -16.52 18.60 19.61
N ARG A 375 -16.46 17.27 19.47
CA ARG A 375 -15.43 16.57 20.20
C ARG A 375 -14.07 16.97 19.66
N SER A 376 -13.03 16.61 20.41
CA SER A 376 -11.67 17.02 20.09
C SER A 376 -10.70 16.06 20.76
N LEU A 377 -9.42 16.25 20.45
CA LEU A 377 -8.33 15.46 21.02
C LEU A 377 -7.13 16.37 21.26
N PRO A 378 -6.29 16.05 22.25
CA PRO A 378 -5.08 16.81 22.50
C PRO A 378 -3.86 16.23 21.80
N ALA A 379 -2.80 17.02 21.79
CA ALA A 379 -1.54 16.52 21.27
C ALA A 379 -1.11 15.29 22.04
N GLY A 380 -0.24 14.50 21.40
CA GLY A 380 0.24 13.26 21.96
C GLY A 380 -0.68 12.09 21.79
N SER A 381 -1.93 12.32 21.39
CA SER A 381 -2.86 11.22 21.16
C SER A 381 -2.55 10.48 19.86
N LEU A 382 -3.10 9.28 19.74
CA LEU A 382 -2.83 8.39 18.62
C LEU A 382 -4.07 8.26 17.74
N ILE A 383 -3.88 8.42 16.43
CA ILE A 383 -4.95 8.34 15.45
C ILE A 383 -4.78 7.07 14.62
N SER A 384 -5.89 6.38 14.42
CA SER A 384 -5.92 5.19 13.57
C SER A 384 -6.93 5.46 12.48
N LEU A 385 -6.43 5.76 11.29
CA LEU A 385 -7.31 5.98 10.16
C LEU A 385 -7.68 4.62 9.60
N HIS A 386 -8.96 4.27 9.70
CA HIS A 386 -9.46 3.01 9.22
C HIS A 386 -10.01 3.31 7.85
N ILE A 387 -9.15 3.17 6.84
CA ILE A 387 -9.55 3.42 5.46
C ILE A 387 -10.60 2.40 5.04
N TYR A 388 -10.46 1.16 5.52
CA TYR A 388 -11.39 0.09 5.16
C TYR A 388 -12.82 0.45 5.58
N ALA A 389 -13.00 0.81 6.85
CA ALA A 389 -14.33 1.21 7.31
C ALA A 389 -14.75 2.53 6.69
N LEU A 390 -13.83 3.48 6.57
CA LEU A 390 -14.14 4.75 5.92
C LEU A 390 -14.80 4.53 4.57
N HIS A 391 -14.25 3.63 3.77
CA HIS A 391 -14.75 3.35 2.42
C HIS A 391 -16.07 2.58 2.42
N ARG A 392 -16.46 2.00 3.55
CA ARG A 392 -17.74 1.35 3.70
C ARG A 392 -18.71 2.13 4.57
N ASN A 393 -18.38 3.38 4.93
CA ASN A 393 -19.26 4.20 5.78
C ASN A 393 -20.64 4.32 5.15
N SER A 394 -21.67 3.99 5.91
CA SER A 394 -23.01 4.00 5.33
C SER A 394 -23.57 5.40 5.21
N ASP A 395 -23.16 6.33 6.07
CA ASP A 395 -23.55 7.72 5.90
C ASP A 395 -22.95 8.38 4.66
N VAL A 396 -22.00 7.74 3.99
CA VAL A 396 -21.29 8.34 2.85
C VAL A 396 -21.53 7.55 1.57
N TRP A 397 -21.76 6.24 1.71
CA TRP A 397 -21.84 5.32 0.57
C TRP A 397 -23.14 4.54 0.69
N PRO A 398 -24.16 4.90 -0.08
CA PRO A 398 -25.39 4.11 -0.06
C PRO A 398 -25.14 2.69 -0.56
N ASP A 399 -25.59 1.71 0.22
CA ASP A 399 -25.40 0.30 -0.05
C ASP A 399 -23.90 0.00 -0.09
N PRO A 400 -23.21 0.23 1.03
CA PRO A 400 -21.73 0.22 1.04
C PRO A 400 -21.13 -1.04 0.44
N GLU A 401 -21.68 -2.22 0.73
CA GLU A 401 -21.08 -3.45 0.26
C GLU A 401 -21.31 -3.71 -1.22
N VAL A 402 -22.06 -2.88 -1.91
CA VAL A 402 -22.43 -3.14 -3.31
C VAL A 402 -21.37 -2.58 -4.24
N PHE A 403 -20.87 -3.46 -5.12
CA PHE A 403 -19.90 -3.04 -6.14
C PHE A 403 -20.65 -2.27 -7.21
N ASP A 404 -20.30 -1.00 -7.38
CA ASP A 404 -20.93 -0.15 -8.38
C ASP A 404 -19.89 0.82 -8.96
N PRO A 405 -19.34 0.52 -10.14
CA PRO A 405 -18.32 1.41 -10.72
C PRO A 405 -18.82 2.81 -10.98
N LEU A 406 -20.12 2.94 -11.21
CA LEU A 406 -20.66 4.24 -11.55
C LEU A 406 -20.64 5.19 -10.38
N ARG A 407 -20.32 4.71 -9.18
CA ARG A 407 -20.09 5.64 -8.08
C ARG A 407 -19.04 6.68 -8.45
N PHE A 408 -18.17 6.37 -9.42
CA PHE A 408 -17.07 7.24 -9.78
C PHE A 408 -17.17 7.73 -11.22
N SER A 409 -18.39 7.88 -11.73
CA SER A 409 -18.63 8.61 -12.96
C SER A 409 -18.46 10.10 -12.71
N PRO A 410 -18.32 10.90 -13.77
CA PRO A 410 -18.14 12.35 -13.56
C PRO A 410 -19.30 12.97 -12.78
N GLU A 411 -20.53 12.59 -13.13
CA GLU A 411 -21.68 13.14 -12.44
C GLU A 411 -21.69 12.72 -10.97
N ASN A 412 -21.58 11.42 -10.68
CA ASN A 412 -21.77 10.94 -9.31
C ASN A 412 -20.61 11.27 -8.39
N SER A 413 -19.50 11.83 -8.88
CA SER A 413 -18.41 12.21 -8.00
C SER A 413 -18.17 13.72 -7.99
N SER A 414 -18.98 14.51 -8.70
CA SER A 414 -18.73 15.94 -8.79
C SER A 414 -18.70 16.60 -7.42
N GLY A 415 -19.67 16.27 -6.54
CA GLY A 415 -19.67 16.85 -5.22
C GLY A 415 -19.19 15.92 -4.12
N ARG A 416 -18.27 15.01 -4.47
CA ARG A 416 -17.70 14.07 -3.53
C ARG A 416 -16.89 14.79 -2.45
N HIS A 417 -17.11 14.44 -1.18
CA HIS A 417 -16.22 14.92 -0.14
C HIS A 417 -14.78 14.49 -0.47
N PRO A 418 -13.83 15.41 -0.56
CA PRO A 418 -12.47 15.04 -0.95
C PRO A 418 -11.75 14.07 0.00
N TYR A 419 -12.30 13.74 1.16
CA TYR A 419 -11.64 12.78 2.05
C TYR A 419 -12.49 11.53 2.27
N ALA A 420 -13.43 11.25 1.36
CA ALA A 420 -14.26 10.06 1.46
C ALA A 420 -13.54 8.86 0.85
N PHE A 421 -12.79 9.08 -0.22
CA PHE A 421 -12.19 8.01 -0.99
C PHE A 421 -10.69 8.29 -1.07
N ILE A 422 -9.97 7.82 -0.06
CA ILE A 422 -8.55 8.08 0.07
C ILE A 422 -7.71 6.79 0.11
N PRO A 423 -7.79 5.93 -0.92
CA PRO A 423 -6.91 4.74 -0.94
C PRO A 423 -5.43 5.09 -1.00
N PHE A 424 -5.05 6.22 -1.61
CA PHE A 424 -3.68 6.73 -1.57
C PHE A 424 -3.49 7.78 -0.47
N SER A 425 -4.33 7.78 0.57
CA SER A 425 -4.25 8.79 1.63
C SER A 425 -4.51 10.19 1.09
N ALA A 426 -4.02 11.21 1.77
CA ALA A 426 -4.32 12.58 1.37
C ALA A 426 -3.57 13.52 2.33
N GLY A 427 -3.48 14.80 1.95
CA GLY A 427 -2.66 15.70 2.70
C GLY A 427 -1.18 15.67 2.31
N PRO A 428 -0.33 16.29 3.14
CA PRO A 428 1.10 16.27 2.84
C PRO A 428 1.74 14.87 2.85
N ARG A 429 1.20 13.91 3.60
CA ARG A 429 1.76 12.55 3.64
C ARG A 429 0.94 11.58 2.79
N ASN A 430 0.48 12.02 1.62
CA ASN A 430 -0.14 11.13 0.66
C ASN A 430 0.89 10.25 -0.06
N CYS A 431 0.38 9.33 -0.90
CA CYS A 431 1.24 8.42 -1.67
C CYS A 431 1.95 9.17 -2.78
N ILE A 432 3.28 9.16 -2.74
CA ILE A 432 4.11 9.72 -3.79
C ILE A 432 4.03 8.92 -5.09
N GLY A 433 3.68 7.65 -5.02
CA GLY A 433 3.68 6.79 -6.19
C GLY A 433 2.34 6.60 -6.86
N GLN A 434 1.31 7.31 -6.41
CA GLN A 434 -0.05 7.05 -6.89
C GLN A 434 -0.18 6.97 -8.41
N GLN A 435 0.39 7.93 -9.14
CA GLN A 435 0.21 7.89 -10.58
C GLN A 435 1.11 6.83 -11.21
N PHE A 436 2.29 6.56 -10.64
CA PHE A 436 3.01 5.38 -11.05
C PHE A 436 2.14 4.14 -10.89
N ALA A 437 1.51 3.98 -9.73
CA ALA A 437 0.70 2.81 -9.50
C ALA A 437 -0.49 2.77 -10.44
N MET A 438 -1.31 3.83 -10.45
CA MET A 438 -2.49 3.86 -11.32
C MET A 438 -2.14 3.51 -12.75
N ASN A 439 -1.02 4.03 -13.26
CA ASN A 439 -0.61 3.76 -14.63
C ASN A 439 -0.22 2.30 -14.81
N GLU A 440 0.66 1.80 -13.94
CA GLU A 440 1.01 0.39 -13.95
C GLU A 440 -0.25 -0.51 -13.97
N MET A 441 -1.18 -0.27 -13.04
CA MET A 441 -2.32 -1.17 -12.87
C MET A 441 -3.28 -1.09 -14.06
N LYS A 442 -3.42 0.07 -14.69
CA LYS A 442 -4.28 0.17 -15.87
C LYS A 442 -3.69 -0.63 -17.02
N VAL A 443 -2.37 -0.57 -17.18
CA VAL A 443 -1.74 -1.26 -18.31
C VAL A 443 -1.80 -2.77 -18.08
N VAL A 444 -1.49 -3.22 -16.86
CA VAL A 444 -1.49 -4.64 -16.57
C VAL A 444 -2.91 -5.22 -16.70
N THR A 445 -3.88 -4.63 -16.01
CA THR A 445 -5.23 -5.19 -16.02
C THR A 445 -5.88 -5.06 -17.40
N ALA A 446 -5.55 -4.01 -18.16
CA ALA A 446 -6.08 -3.92 -19.52
C ALA A 446 -5.61 -5.11 -20.36
N LEU A 447 -4.29 -5.34 -20.42
CA LEU A 447 -3.74 -6.49 -21.13
C LEU A 447 -4.26 -7.83 -20.58
N CYS A 448 -4.45 -7.92 -19.27
CA CYS A 448 -4.98 -9.15 -18.70
C CYS A 448 -6.32 -9.50 -19.30
N LEU A 449 -7.21 -8.50 -19.46
CA LEU A 449 -8.59 -8.74 -19.89
C LEU A 449 -8.65 -9.04 -21.39
N LEU A 450 -7.80 -8.40 -22.19
CA LEU A 450 -7.69 -8.72 -23.61
C LEU A 450 -7.21 -10.14 -23.88
N ARG A 451 -6.55 -10.76 -22.91
CA ARG A 451 -5.90 -12.04 -23.14
C ARG A 451 -6.57 -13.19 -22.43
N PHE A 452 -7.29 -12.93 -21.33
CA PHE A 452 -7.96 -13.95 -20.56
C PHE A 452 -9.28 -13.41 -20.06
N GLU A 453 -10.21 -14.33 -19.82
CA GLU A 453 -11.45 -14.04 -19.14
C GLU A 453 -11.38 -14.69 -17.78
N PHE A 454 -11.75 -13.94 -16.76
CA PHE A 454 -11.50 -14.36 -15.39
C PHE A 454 -12.81 -14.67 -14.71
N SER A 455 -12.84 -15.81 -14.01
CA SER A 455 -13.96 -16.24 -13.17
C SER A 455 -13.41 -16.68 -11.82
N VAL A 456 -14.29 -16.68 -10.80
CA VAL A 456 -13.82 -17.02 -9.46
C VAL A 456 -13.81 -18.54 -9.35
N ASP A 457 -13.31 -19.06 -8.21
CA ASP A 457 -13.42 -20.46 -7.83
C ASP A 457 -14.32 -20.55 -6.62
N PRO A 458 -15.57 -20.98 -6.78
CA PRO A 458 -16.49 -21.04 -5.62
C PRO A 458 -15.96 -21.83 -4.45
N LEU A 459 -15.05 -22.78 -4.68
CA LEU A 459 -14.47 -23.59 -3.60
C LEU A 459 -13.36 -22.87 -2.84
N ARG A 460 -12.72 -21.85 -3.44
CA ARG A 460 -11.59 -21.13 -2.83
C ARG A 460 -11.78 -19.61 -2.95
N LEU A 461 -12.85 -19.12 -2.38
CA LEU A 461 -13.07 -17.69 -2.44
C LEU A 461 -12.10 -17.00 -1.49
N PRO A 462 -11.56 -15.84 -1.87
CA PRO A 462 -10.57 -15.16 -1.04
C PRO A 462 -11.17 -14.74 0.28
N ILE A 463 -10.34 -14.82 1.31
CA ILE A 463 -10.61 -14.25 2.63
C ILE A 463 -9.64 -13.08 2.83
N LYS A 464 -10.17 -11.94 3.27
CA LYS A 464 -9.32 -10.76 3.46
C LYS A 464 -8.36 -10.99 4.61
N LEU A 465 -7.08 -10.59 4.39
CA LEU A 465 -6.01 -10.76 5.34
C LEU A 465 -5.17 -9.49 5.43
N PRO A 466 -5.31 -8.72 6.51
CA PRO A 466 -4.43 -7.56 6.67
C PRO A 466 -3.00 -8.01 6.87
N GLN A 467 -2.10 -7.35 6.18
CA GLN A 467 -0.69 -7.69 6.23
C GLN A 467 0.09 -6.47 5.79
N LEU A 468 -0.07 -5.38 6.54
CA LEU A 468 0.38 -4.06 6.11
C LEU A 468 -0.39 -3.63 4.86
N VAL A 469 -0.21 -4.30 3.72
CA VAL A 469 -1.11 -4.17 2.56
C VAL A 469 -2.17 -5.26 2.68
N LEU A 470 -3.14 -5.26 1.76
CA LEU A 470 -4.31 -6.13 1.88
C LEU A 470 -4.06 -7.40 1.06
N ARG A 471 -3.90 -8.53 1.77
CA ARG A 471 -3.64 -9.83 1.18
C ARG A 471 -4.85 -10.75 1.40
N SER A 472 -4.72 -12.02 1.01
CA SER A 472 -5.75 -13.04 1.19
C SER A 472 -5.17 -14.16 2.04
N LYS A 473 -5.93 -14.64 3.01
CA LYS A 473 -5.55 -15.85 3.75
C LYS A 473 -5.21 -17.01 2.83
N ASN A 474 -5.91 -17.16 1.69
CA ASN A 474 -5.81 -18.33 0.84
C ASN A 474 -5.45 -17.95 -0.59
N GLY A 475 -4.81 -16.81 -0.79
CA GLY A 475 -4.53 -16.42 -2.15
C GLY A 475 -5.74 -15.81 -2.85
N ILE A 476 -5.58 -15.61 -4.14
CA ILE A 476 -6.65 -15.21 -5.04
C ILE A 476 -6.70 -16.26 -6.13
N HIS A 477 -7.41 -17.37 -5.88
CA HIS A 477 -7.52 -18.43 -6.87
C HIS A 477 -8.60 -18.08 -7.88
N LEU A 478 -8.23 -18.09 -9.16
CA LEU A 478 -9.12 -17.78 -10.28
C LEU A 478 -8.95 -18.79 -11.43
N TYR A 479 -9.99 -18.92 -12.23
CA TYR A 479 -9.95 -19.67 -13.47
C TYR A 479 -9.75 -18.70 -14.64
N LEU A 480 -8.92 -19.09 -15.60
CA LEU A 480 -8.64 -18.27 -16.76
C LEU A 480 -8.97 -18.98 -18.07
N LYS A 481 -9.71 -18.29 -18.94
CA LYS A 481 -9.89 -18.71 -20.33
C LYS A 481 -9.03 -17.87 -21.26
N PRO A 482 -8.07 -18.45 -22.00
CA PRO A 482 -7.40 -17.71 -23.07
C PRO A 482 -8.38 -17.23 -24.12
N LEU A 483 -8.01 -16.19 -24.87
CA LEU A 483 -8.91 -15.63 -25.88
C LEU A 483 -8.31 -15.54 -27.28
#